data_9LT7
#
_entry.id   9LT7
#
_cell.length_a   47.117
_cell.length_b   48.415
_cell.length_c   75.686
_cell.angle_alpha   90.00
_cell.angle_beta   93.28
_cell.angle_gamma   90.00
#
_symmetry.space_group_name_H-M   'P 1 21 1'
#
loop_
_entity.id
_entity.type
_entity.pdbx_description
1 polymer '2-nitropropane dioxygenase'
2 non-polymer 'FLAVIN MONONUCLEOTIDE'
3 non-polymer 'IRON/SULFUR CLUSTER'
4 non-polymer N-[5-[(3-methylphenyl)sulfamoyl]-1,3,4-thiadiazol-2-yl]-3-(trifluoromethyloxy)benzamide
5 water water
#
_entity_poly.entity_id   1
_entity_poly.type   'polypeptide(L)'
_entity_poly.pdbx_seq_one_letter_code
;MVSTLKPLKIGKHTIKFPIFQGGMGVGISWDELAGNVAKEGALGVISAVGTGYYKNMRFVERIVAKKPFEALNFYSKKAL
NEIFANARKICGNNPLGANILYAINDYGRVLRDSCEAGANIIITGAGLPTNMPEFAKDFSDVALIPIISSAKALKILCKR
WSDRYKRIPDAFIVEGPLSGGHQGFKYEDCFKEEFRLENLVPKVVEASKEWGNIPIIAAGGIWDRKDIDTMLSLGASGVQ
MATRFLGTKECDAKVYADLLPTLKKEDILLIKSPVGYPARAINTGVIKRIEEGNAPKIACVSNCVAPCNRGEEAKKVGYC
IADGLGRSYLGNREEGLYFTGANGYRVDKIISVHELIKELTEG
;
_entity_poly.pdbx_strand_id   A
#
loop_
_chem_comp.id
_chem_comp.type
_chem_comp.name
_chem_comp.formula
A1ELG non-polymer N-[5-[(3-methylphenyl)sulfamoyl]-1,3,4-thiadiazol-2-yl]-3-(trifluoromethyloxy)benzamide 'C17 H13 F3 N4 O4 S2'
FMN non-polymer 'FLAVIN MONONUCLEOTIDE' 'C17 H21 N4 O9 P'
SF4 non-polymer 'IRON/SULFUR CLUSTER' 'Fe4 S4'
#
# COMPACT_ATOMS: atom_id res chain seq x y z
N MET A 1 4.12 -14.45 -22.88
CA MET A 1 3.03 -13.82 -23.64
C MET A 1 1.71 -14.58 -23.62
N VAL A 2 1.71 -15.92 -23.57
CA VAL A 2 0.48 -16.67 -23.43
C VAL A 2 0.19 -16.89 -21.95
N SER A 3 -1.01 -16.52 -21.52
CA SER A 3 -1.43 -16.68 -20.13
C SER A 3 -2.86 -17.23 -20.12
N THR A 4 -3.16 -18.04 -19.11
CA THR A 4 -4.53 -18.45 -18.85
C THR A 4 -5.20 -17.61 -17.77
N LEU A 5 -4.52 -16.59 -17.28
CA LEU A 5 -5.17 -15.62 -16.40
C LEU A 5 -6.05 -14.68 -17.22
N LYS A 6 -7.16 -14.28 -16.63
CA LYS A 6 -8.14 -13.59 -17.43
C LYS A 6 -8.26 -12.13 -17.00
N PRO A 7 -8.63 -11.23 -17.91
CA PRO A 7 -8.72 -9.80 -17.56
C PRO A 7 -9.71 -9.58 -16.41
N LEU A 8 -9.46 -8.52 -15.65
CA LEU A 8 -10.23 -8.24 -14.45
C LEU A 8 -10.89 -6.88 -14.58
N LYS A 9 -12.21 -6.83 -14.41
CA LYS A 9 -12.94 -5.57 -14.42
C LYS A 9 -13.06 -5.03 -12.99
N ILE A 10 -12.72 -3.75 -12.83
CA ILE A 10 -12.85 -3.03 -11.57
C ILE A 10 -13.63 -1.75 -11.87
N GLY A 11 -14.90 -1.71 -11.50
CA GLY A 11 -15.75 -0.61 -11.92
C GLY A 11 -15.77 -0.53 -13.44
N LYS A 12 -15.41 0.65 -13.97
CA LYS A 12 -15.42 0.89 -15.43
C LYS A 12 -14.05 0.59 -16.05
N HIS A 13 -13.12 0.08 -15.26
CA HIS A 13 -11.76 -0.13 -15.76
C HIS A 13 -11.50 -1.61 -15.93
N THR A 14 -10.57 -1.93 -16.83
CA THR A 14 -10.15 -3.30 -17.04
C THR A 14 -8.64 -3.39 -16.97
N ILE A 15 -8.14 -4.41 -16.27
CA ILE A 15 -6.71 -4.69 -16.28
C ILE A 15 -6.49 -6.07 -16.91
N LYS A 16 -5.42 -6.17 -17.69
CA LYS A 16 -5.17 -7.38 -18.45
C LYS A 16 -4.95 -8.59 -17.54
N PHE A 17 -4.21 -8.39 -16.45
CA PHE A 17 -3.96 -9.48 -15.51
C PHE A 17 -4.61 -9.16 -14.17
N PRO A 18 -5.14 -10.15 -13.48
CA PRO A 18 -5.83 -9.94 -12.21
C PRO A 18 -4.85 -9.78 -11.05
N ILE A 19 -3.92 -8.84 -11.20
CA ILE A 19 -2.86 -8.60 -10.23
C ILE A 19 -2.76 -7.11 -9.96
N PHE A 20 -2.80 -6.73 -8.69
CA PHE A 20 -2.42 -5.40 -8.25
C PHE A 20 -1.00 -5.42 -7.69
N GLN A 21 -0.19 -4.43 -8.07
CA GLN A 21 0.99 -4.14 -7.28
C GLN A 21 0.54 -3.27 -6.11
N GLY A 22 0.70 -3.78 -4.89
CA GLY A 22 0.22 -3.05 -3.71
C GLY A 22 0.98 -1.75 -3.50
N GLY A 23 0.25 -0.72 -3.05
CA GLY A 23 0.90 0.54 -2.74
C GLY A 23 1.85 0.42 -1.58
N MET A 24 2.94 1.19 -1.63
CA MET A 24 3.98 1.10 -0.60
C MET A 24 4.54 2.50 -0.31
N GLY A 25 4.41 2.95 0.93
CA GLY A 25 4.99 4.22 1.34
C GLY A 25 6.18 4.03 2.27
N VAL A 26 7.07 5.02 2.39
CA VAL A 26 7.02 6.28 1.63
C VAL A 26 7.99 6.25 0.45
N GLY A 27 7.50 6.64 -0.72
CA GLY A 27 8.38 6.76 -1.87
C GLY A 27 8.79 5.45 -2.46
N ILE A 28 8.06 4.38 -2.13
CA ILE A 28 8.42 3.05 -2.59
C ILE A 28 7.71 2.72 -3.90
N SER A 29 6.40 2.92 -3.96
CA SER A 29 5.67 2.74 -5.22
C SER A 29 5.21 4.10 -5.74
N TRP A 30 6.13 4.77 -6.44
CA TRP A 30 5.79 5.99 -7.18
C TRP A 30 5.87 5.74 -8.68
N ASP A 31 6.32 6.75 -9.42
CA ASP A 31 6.18 6.71 -10.88
C ASP A 31 6.90 5.56 -11.57
N GLU A 32 8.15 5.28 -11.19
CA GLU A 32 8.90 4.26 -11.93
C GLU A 32 8.26 2.89 -11.74
N LEU A 33 7.96 2.52 -10.49
CA LEU A 33 7.36 1.21 -10.23
C LEU A 33 5.95 1.13 -10.80
N ALA A 34 5.09 2.06 -10.44
CA ALA A 34 3.68 1.96 -10.83
C ALA A 34 3.53 2.09 -12.35
N GLY A 35 4.29 2.99 -12.97
CA GLY A 35 4.23 3.12 -14.41
C GLY A 35 4.62 1.84 -15.12
N ASN A 36 5.70 1.19 -14.66
CA ASN A 36 6.12 -0.01 -15.36
C ASN A 36 5.17 -1.19 -15.10
N VAL A 37 4.65 -1.29 -13.88
CA VAL A 37 3.66 -2.33 -13.61
C VAL A 37 2.46 -2.18 -14.53
N ALA A 38 1.92 -0.96 -14.63
CA ALA A 38 0.74 -0.77 -15.47
C ALA A 38 1.07 -1.02 -16.94
N LYS A 39 2.29 -0.66 -17.34
CA LYS A 39 2.73 -0.95 -18.71
C LYS A 39 2.66 -2.44 -19.01
N GLU A 40 2.87 -3.28 -17.99
CA GLU A 40 2.81 -4.73 -18.18
C GLU A 40 1.39 -5.29 -18.22
N GLY A 41 0.37 -4.52 -17.83
CA GLY A 41 -0.98 -5.01 -17.83
C GLY A 41 -1.55 -5.36 -16.48
N ALA A 42 -0.79 -5.16 -15.41
CA ALA A 42 -1.31 -5.28 -14.06
C ALA A 42 -1.67 -3.88 -13.58
N LEU A 43 -2.28 -3.80 -12.40
CA LEU A 43 -2.60 -2.51 -11.81
C LEU A 43 -1.37 -1.95 -11.09
N GLY A 44 -0.78 -0.89 -11.65
CA GLY A 44 0.19 -0.11 -10.89
C GLY A 44 -0.53 0.80 -9.90
N VAL A 45 0.04 0.92 -8.71
CA VAL A 45 -0.58 1.69 -7.63
C VAL A 45 0.43 2.70 -7.09
N ILE A 46 0.09 3.98 -7.18
CA ILE A 46 0.93 5.04 -6.67
C ILE A 46 0.54 5.31 -5.22
N SER A 47 1.52 5.28 -4.32
CA SER A 47 1.28 5.68 -2.94
C SER A 47 1.18 7.20 -2.85
N ALA A 48 0.11 7.69 -2.24
CA ALA A 48 -0.11 9.12 -2.08
C ALA A 48 0.41 9.63 -0.75
N VAL A 49 1.12 8.80 0.00
CA VAL A 49 1.60 9.14 1.34
C VAL A 49 3.00 9.73 1.27
N GLY A 50 3.21 10.83 1.97
CA GLY A 50 4.55 11.38 2.08
C GLY A 50 5.13 11.87 0.79
N THR A 51 4.26 12.22 -0.17
CA THR A 51 4.71 12.72 -1.47
C THR A 51 5.52 14.00 -1.36
N GLY A 52 5.43 14.72 -0.23
CA GLY A 52 6.29 15.87 -0.01
C GLY A 52 7.77 15.53 -0.08
N TYR A 53 8.15 14.30 0.28
CA TYR A 53 9.53 13.87 0.15
C TYR A 53 10.00 13.69 -1.28
N TYR A 54 9.08 13.60 -2.25
CA TYR A 54 9.44 13.32 -3.64
C TYR A 54 10.55 14.27 -4.12
N LYS A 55 11.59 13.67 -4.70
CA LYS A 55 12.73 14.40 -5.24
C LYS A 55 13.26 15.40 -4.22
N ASN A 56 13.38 14.93 -2.98
CA ASN A 56 13.92 15.72 -1.87
C ASN A 56 13.18 17.03 -1.71
N MET A 57 11.85 16.91 -1.54
CA MET A 57 11.01 18.05 -1.21
C MET A 57 10.97 19.07 -2.34
N ARG A 58 11.01 18.57 -3.57
CA ARG A 58 10.80 19.39 -4.75
C ARG A 58 9.55 20.26 -4.63
N PHE A 59 8.45 19.70 -4.14
CA PHE A 59 7.14 20.37 -4.12
C PHE A 59 6.65 20.49 -2.68
N VAL A 60 7.32 21.30 -1.89
CA VAL A 60 6.78 21.67 -0.60
C VAL A 60 6.91 23.17 -0.43
N GLU A 61 5.99 23.74 0.34
CA GLU A 61 6.03 25.17 0.63
C GLU A 61 6.88 25.52 1.83
N ARG A 62 7.08 24.57 2.75
CA ARG A 62 7.84 24.85 3.95
C ARG A 62 8.50 23.57 4.42
N ILE A 63 9.75 23.69 4.85
CA ILE A 63 10.56 22.60 5.39
C ILE A 63 11.01 23.00 6.78
N VAL A 64 10.98 22.05 7.70
CA VAL A 64 11.57 22.21 9.03
C VAL A 64 12.38 20.97 9.33
N ALA A 65 13.66 21.16 9.70
CA ALA A 65 14.55 20.05 10.06
C ALA A 65 14.59 18.99 8.96
N LYS A 66 14.61 19.45 7.72
CA LYS A 66 14.66 18.60 6.52
C LYS A 66 13.44 17.67 6.41
N LYS A 67 12.29 18.16 6.87
CA LYS A 67 11.03 17.43 6.82
C LYS A 67 9.94 18.31 6.23
N PRO A 68 9.01 17.75 5.45
CA PRO A 68 7.88 18.56 4.97
C PRO A 68 7.04 19.09 6.14
N PHE A 69 6.78 20.39 6.16
CA PHE A 69 6.06 20.99 7.28
C PHE A 69 4.57 20.76 7.14
N GLU A 70 4.07 19.86 8.01
CA GLU A 70 2.65 19.65 8.26
C GLU A 70 1.90 19.10 7.04
N ALA A 71 0.63 18.70 7.18
CA ALA A 71 0.07 17.67 6.29
C ALA A 71 -0.10 18.15 4.87
N LEU A 72 -0.30 19.46 4.68
CA LEU A 72 -0.41 19.98 3.33
C LEU A 72 0.87 19.75 2.52
N ASN A 73 2.03 19.76 3.18
CA ASN A 73 3.27 19.45 2.48
C ASN A 73 3.65 17.97 2.52
N PHE A 74 3.29 17.26 3.59
CA PHE A 74 3.59 15.83 3.62
C PHE A 74 2.80 15.10 2.54
N TYR A 75 1.52 15.43 2.38
CA TYR A 75 0.70 14.94 1.28
C TYR A 75 0.64 16.06 0.25
N SER A 76 1.65 16.09 -0.62
CA SER A 76 1.86 17.19 -1.55
C SER A 76 1.12 16.97 -2.86
N LYS A 77 0.17 17.87 -3.16
CA LYS A 77 -0.64 17.75 -4.37
C LYS A 77 0.21 17.87 -5.64
N LYS A 78 1.15 18.82 -5.66
CA LYS A 78 1.97 19.02 -6.86
C LYS A 78 2.91 17.84 -7.08
N ALA A 79 3.45 17.27 -6.01
CA ALA A 79 4.25 16.06 -6.12
C ALA A 79 3.41 14.92 -6.68
N LEU A 80 2.23 14.70 -6.10
CA LEU A 80 1.34 13.65 -6.59
C LEU A 80 1.04 13.83 -8.07
N ASN A 81 0.78 15.09 -8.49
CA ASN A 81 0.48 15.36 -9.89
C ASN A 81 1.65 14.96 -10.79
N GLU A 82 2.87 15.30 -10.38
CA GLU A 82 4.01 14.96 -11.21
C GLU A 82 4.28 13.46 -11.22
N ILE A 83 4.06 12.79 -10.08
CA ILE A 83 4.25 11.35 -10.04
C ILE A 83 3.28 10.66 -10.99
N PHE A 84 2.01 11.06 -10.99
CA PHE A 84 1.07 10.46 -11.93
C PHE A 84 1.45 10.77 -13.38
N ALA A 85 1.84 12.01 -13.67
CA ALA A 85 2.21 12.34 -15.04
C ALA A 85 3.42 11.54 -15.51
N ASN A 86 4.42 11.37 -14.63
CA ASN A 86 5.60 10.61 -15.01
C ASN A 86 5.29 9.13 -15.15
N ALA A 87 4.39 8.60 -14.33
CA ALA A 87 3.94 7.22 -14.53
C ALA A 87 3.31 7.06 -15.91
N ARG A 88 2.47 8.03 -16.31
CA ARG A 88 1.76 7.88 -17.58
C ARG A 88 2.65 8.13 -18.79
N LYS A 89 3.81 8.77 -18.60
CA LYS A 89 4.80 8.73 -19.67
C LYS A 89 5.18 7.30 -20.02
N ILE A 90 5.10 6.38 -19.05
CA ILE A 90 5.45 4.97 -19.27
C ILE A 90 4.23 4.16 -19.68
N CYS A 91 3.14 4.25 -18.92
CA CYS A 91 2.02 3.33 -19.12
C CYS A 91 0.85 3.94 -19.89
N GLY A 92 0.94 5.20 -20.28
CA GLY A 92 -0.14 5.82 -21.01
C GLY A 92 -1.42 5.87 -20.19
N ASN A 93 -2.55 5.55 -20.83
CA ASN A 93 -3.82 5.56 -20.14
C ASN A 93 -4.18 4.20 -19.55
N ASN A 94 -3.21 3.29 -19.41
CA ASN A 94 -3.46 2.06 -18.67
C ASN A 94 -3.86 2.40 -17.23
N PRO A 95 -4.75 1.62 -16.62
CA PRO A 95 -5.25 1.99 -15.29
C PRO A 95 -4.15 2.07 -14.25
N LEU A 96 -4.31 3.06 -13.36
CA LEU A 96 -3.44 3.34 -12.24
C LEU A 96 -4.31 3.57 -11.00
N GLY A 97 -3.84 3.04 -9.89
CA GLY A 97 -4.46 3.31 -8.61
C GLY A 97 -3.66 4.31 -7.81
N ALA A 98 -4.33 4.91 -6.83
CA ALA A 98 -3.70 5.72 -5.80
C ALA A 98 -4.07 5.10 -4.46
N ASN A 99 -3.08 4.89 -3.61
CA ASN A 99 -3.28 4.31 -2.29
C ASN A 99 -3.14 5.41 -1.24
N ILE A 100 -4.14 5.52 -0.38
CA ILE A 100 -4.10 6.51 0.71
C ILE A 100 -4.75 5.91 1.93
N LEU A 101 -4.04 5.91 3.06
CA LEU A 101 -4.61 5.31 4.26
C LEU A 101 -5.72 6.20 4.80
N TYR A 102 -6.56 5.61 5.64
CA TYR A 102 -7.75 6.30 6.12
C TYR A 102 -7.48 7.14 7.35
N ALA A 103 -6.42 6.82 8.10
CA ALA A 103 -6.23 7.39 9.43
C ALA A 103 -5.59 8.77 9.38
N ILE A 104 -6.12 9.64 8.54
CA ILE A 104 -5.64 11.00 8.39
C ILE A 104 -6.82 11.95 8.36
N ASN A 105 -6.70 13.09 9.03
CA ASN A 105 -7.81 14.02 9.04
C ASN A 105 -7.99 14.67 7.67
N ASP A 106 -6.91 14.78 6.90
CA ASP A 106 -7.00 15.33 5.56
C ASP A 106 -7.31 14.26 4.51
N TYR A 107 -7.95 13.17 4.91
CA TYR A 107 -8.22 12.07 3.97
C TYR A 107 -8.92 12.58 2.72
N GLY A 108 -9.97 13.39 2.89
CA GLY A 108 -10.75 13.82 1.74
C GLY A 108 -9.95 14.66 0.78
N ARG A 109 -9.10 15.55 1.30
CA ARG A 109 -8.23 16.34 0.44
C ARG A 109 -7.31 15.45 -0.38
N VAL A 110 -6.73 14.42 0.22
CA VAL A 110 -5.77 13.60 -0.52
C VAL A 110 -6.51 12.68 -1.50
N LEU A 111 -7.71 12.23 -1.15
CA LEU A 111 -8.51 11.47 -2.12
C LEU A 111 -8.85 12.33 -3.34
N ARG A 112 -9.38 13.55 -3.12
CA ARG A 112 -9.64 14.39 -4.28
C ARG A 112 -8.36 14.74 -5.03
N ASP A 113 -7.23 14.92 -4.33
CA ASP A 113 -5.98 15.19 -5.04
C ASP A 113 -5.63 14.03 -5.96
N SER A 114 -5.81 12.81 -5.46
CA SER A 114 -5.54 11.62 -6.26
C SER A 114 -6.41 11.58 -7.50
N CYS A 115 -7.72 11.84 -7.33
CA CYS A 115 -8.60 11.91 -8.48
C CYS A 115 -8.15 12.98 -9.48
N GLU A 116 -7.83 14.17 -8.98
CA GLU A 116 -7.44 15.27 -9.87
C GLU A 116 -6.09 15.02 -10.53
N ALA A 117 -5.27 14.16 -9.94
CA ALA A 117 -3.99 13.78 -10.53
C ALA A 117 -4.16 12.76 -11.66
N GLY A 118 -5.32 12.13 -11.77
CA GLY A 118 -5.58 11.17 -12.81
C GLY A 118 -5.76 9.73 -12.36
N ALA A 119 -5.91 9.49 -11.06
CA ALA A 119 -6.08 8.12 -10.59
C ALA A 119 -7.38 7.53 -11.15
N ASN A 120 -7.31 6.26 -11.56
CA ASN A 120 -8.51 5.57 -11.99
C ASN A 120 -9.15 4.80 -10.85
N ILE A 121 -8.33 4.46 -9.85
CA ILE A 121 -8.80 3.68 -8.70
C ILE A 121 -8.22 4.31 -7.43
N ILE A 122 -9.03 4.39 -6.37
CA ILE A 122 -8.55 4.73 -5.03
C ILE A 122 -8.62 3.49 -4.16
N ILE A 123 -7.52 3.20 -3.46
CA ILE A 123 -7.41 2.09 -2.54
C ILE A 123 -7.12 2.63 -1.15
N THR A 124 -7.88 2.18 -0.15
CA THR A 124 -7.72 2.73 1.20
C THR A 124 -7.90 1.68 2.28
N GLY A 125 -6.91 1.57 3.17
CA GLY A 125 -6.97 0.72 4.34
C GLY A 125 -6.60 1.48 5.60
N ALA A 126 -6.02 0.74 6.55
CA ALA A 126 -5.63 1.29 7.85
C ALA A 126 -6.78 2.02 8.52
N GLY A 127 -7.95 1.40 8.47
CA GLY A 127 -9.16 2.01 8.97
C GLY A 127 -10.35 1.39 8.29
N LEU A 128 -11.52 1.92 8.61
CA LEU A 128 -12.79 1.47 8.02
C LEU A 128 -13.34 2.62 7.20
N PRO A 129 -13.04 2.69 5.90
CA PRO A 129 -13.32 3.89 5.08
C PRO A 129 -14.77 3.98 4.61
N THR A 130 -15.64 4.41 5.51
CA THR A 130 -17.06 4.36 5.25
C THR A 130 -17.58 5.53 4.43
N ASN A 131 -16.71 6.46 4.03
CA ASN A 131 -17.20 7.66 3.35
C ASN A 131 -16.35 8.03 2.13
N MET A 132 -15.71 7.06 1.50
CA MET A 132 -14.96 7.35 0.28
C MET A 132 -15.81 8.06 -0.78
N PRO A 133 -17.07 7.67 -1.03
CA PRO A 133 -17.86 8.35 -2.08
C PRO A 133 -18.13 9.81 -1.79
N GLU A 134 -18.18 10.21 -0.52
CA GLU A 134 -18.36 11.62 -0.19
C GLU A 134 -17.33 12.47 -0.91
N PHE A 135 -16.08 12.02 -0.90
CA PHE A 135 -14.99 12.79 -1.47
C PHE A 135 -14.80 12.51 -2.95
N ALA A 136 -15.33 11.39 -3.47
CA ALA A 136 -15.11 11.03 -4.87
C ALA A 136 -16.24 11.44 -5.81
N LYS A 137 -17.27 12.14 -5.35
CA LYS A 137 -18.48 12.24 -6.16
C LYS A 137 -18.33 13.15 -7.38
N ASP A 138 -17.37 14.08 -7.38
CA ASP A 138 -17.07 14.84 -8.58
C ASP A 138 -16.33 14.02 -9.63
N PHE A 139 -15.94 12.79 -9.30
CA PHE A 139 -15.14 11.95 -10.19
C PHE A 139 -15.84 10.61 -10.33
N SER A 140 -16.97 10.53 -11.04
CA SER A 140 -17.84 9.33 -11.11
C SER A 140 -17.20 8.01 -11.55
N ASP A 141 -16.11 8.07 -12.30
CA ASP A 141 -15.55 6.84 -12.91
C ASP A 141 -14.37 6.28 -12.08
N VAL A 142 -13.98 6.99 -11.05
CA VAL A 142 -12.88 6.48 -10.20
C VAL A 142 -13.45 5.35 -9.34
N ALA A 143 -12.83 4.19 -9.48
CA ALA A 143 -13.32 3.06 -8.70
C ALA A 143 -12.77 3.17 -7.30
N LEU A 144 -13.52 2.64 -6.33
CA LEU A 144 -13.22 2.81 -4.92
C LEU A 144 -13.10 1.44 -4.25
N ILE A 145 -11.95 1.19 -3.61
CA ILE A 145 -11.59 -0.13 -3.06
C ILE A 145 -11.12 -0.02 -1.61
N PRO A 146 -11.96 -0.39 -0.65
CA PRO A 146 -11.48 -0.56 0.72
C PRO A 146 -10.61 -1.81 0.86
N ILE A 147 -9.63 -1.70 1.74
CA ILE A 147 -8.90 -2.84 2.25
C ILE A 147 -9.50 -3.20 3.61
N ILE A 148 -9.80 -4.49 3.78
CA ILE A 148 -10.49 -5.02 4.94
C ILE A 148 -9.71 -6.20 5.48
N SER A 149 -10.04 -6.53 6.74
CA SER A 149 -9.42 -7.63 7.46
C SER A 149 -10.39 -8.76 7.77
N SER A 150 -11.67 -8.60 7.45
CA SER A 150 -12.70 -9.55 7.89
C SER A 150 -13.94 -9.42 7.01
N ALA A 151 -14.76 -10.47 7.04
CA ALA A 151 -16.05 -10.41 6.35
C ALA A 151 -16.98 -9.40 7.02
N LYS A 152 -16.89 -9.26 8.34
CA LYS A 152 -17.72 -8.30 9.06
C LYS A 152 -17.51 -6.89 8.52
N ALA A 153 -16.26 -6.53 8.25
CA ALA A 153 -15.98 -5.20 7.70
C ALA A 153 -16.58 -5.03 6.32
N LEU A 154 -16.55 -6.08 5.50
CA LEU A 154 -17.21 -5.99 4.20
C LEU A 154 -18.68 -5.66 4.37
N LYS A 155 -19.35 -6.37 5.28
CA LYS A 155 -20.79 -6.18 5.47
C LYS A 155 -21.11 -4.78 5.95
N ILE A 156 -20.34 -4.30 6.94
CA ILE A 156 -20.55 -2.97 7.48
C ILE A 156 -20.33 -1.89 6.41
N LEU A 157 -19.24 -2.01 5.66
CA LEU A 157 -18.94 -1.01 4.64
C LEU A 157 -20.02 -0.99 3.57
N CYS A 158 -20.43 -2.16 3.10
CA CYS A 158 -21.48 -2.22 2.09
C CYS A 158 -22.75 -1.57 2.61
N LYS A 159 -23.10 -1.81 3.87
CA LYS A 159 -24.35 -1.23 4.36
C LYS A 159 -24.27 0.27 4.47
N ARG A 160 -23.18 0.75 5.06
CA ARG A 160 -23.07 2.22 5.23
C ARG A 160 -23.07 2.93 3.87
N TRP A 161 -22.25 2.47 2.92
CA TRP A 161 -22.17 3.05 1.59
C TRP A 161 -23.52 2.97 0.88
N SER A 162 -24.17 1.81 0.93
CA SER A 162 -25.46 1.68 0.25
C SER A 162 -26.48 2.64 0.84
N ASP A 163 -26.59 2.68 2.17
CA ASP A 163 -27.59 3.54 2.80
C ASP A 163 -27.34 5.01 2.54
N ARG A 164 -26.07 5.43 2.52
CA ARG A 164 -25.77 6.86 2.47
C ARG A 164 -25.60 7.38 1.05
N TYR A 165 -25.00 6.58 0.16
CA TYR A 165 -24.65 7.06 -1.17
C TYR A 165 -25.35 6.32 -2.30
N LYS A 166 -26.15 5.29 -2.01
CA LYS A 166 -26.75 4.44 -3.03
C LYS A 166 -25.68 3.87 -3.97
N ARG A 167 -24.50 3.59 -3.39
CA ARG A 167 -23.36 3.02 -4.10
C ARG A 167 -22.67 2.03 -3.16
N ILE A 168 -22.11 0.97 -3.72
CA ILE A 168 -21.29 0.06 -2.92
C ILE A 168 -19.88 0.05 -3.51
N PRO A 169 -18.88 -0.49 -2.80
CA PRO A 169 -17.51 -0.49 -3.35
C PRO A 169 -17.38 -1.29 -4.64
N ASP A 170 -16.38 -0.89 -5.43
CA ASP A 170 -16.12 -1.55 -6.70
C ASP A 170 -15.34 -2.84 -6.53
N ALA A 171 -14.64 -2.98 -5.40
CA ALA A 171 -13.90 -4.19 -5.07
C ALA A 171 -13.54 -4.09 -3.59
N PHE A 172 -13.09 -5.21 -3.04
CA PHE A 172 -12.50 -5.22 -1.70
C PHE A 172 -11.18 -5.95 -1.79
N ILE A 173 -10.15 -5.44 -1.12
CA ILE A 173 -8.93 -6.19 -0.89
C ILE A 173 -8.99 -6.73 0.53
N VAL A 174 -8.86 -8.03 0.70
CA VAL A 174 -8.71 -8.60 2.03
C VAL A 174 -7.23 -8.87 2.25
N GLU A 175 -6.66 -8.25 3.29
CA GLU A 175 -5.23 -8.39 3.54
C GLU A 175 -5.00 -9.22 4.80
N GLY A 176 -4.09 -10.20 4.68
CA GLY A 176 -3.80 -11.11 5.77
C GLY A 176 -2.55 -10.72 6.53
N PRO A 177 -2.22 -11.48 7.59
CA PRO A 177 -1.19 -11.05 8.53
C PRO A 177 0.24 -11.34 8.10
N LEU A 178 0.46 -11.89 6.90
CA LEU A 178 1.82 -12.05 6.38
C LEU A 178 2.26 -10.86 5.52
N SER A 179 1.46 -9.81 5.49
CA SER A 179 1.64 -8.70 4.57
C SER A 179 2.81 -7.80 4.98
N GLY A 180 3.18 -6.91 4.05
CA GLY A 180 4.10 -5.82 4.37
C GLY A 180 3.37 -4.66 5.02
N GLY A 181 4.16 -3.76 5.58
CA GLY A 181 3.58 -2.58 6.20
C GLY A 181 2.81 -2.94 7.46
N HIS A 182 1.68 -2.29 7.65
CA HIS A 182 0.85 -2.47 8.84
C HIS A 182 -0.08 -3.68 8.67
N GLN A 183 -0.45 -4.27 9.81
CA GLN A 183 -1.33 -5.43 9.85
C GLN A 183 -2.68 -5.05 10.42
N GLY A 184 -3.75 -5.55 9.80
CA GLY A 184 -5.08 -5.34 10.34
C GLY A 184 -5.45 -6.31 11.44
N PHE A 185 -4.45 -6.77 12.20
CA PHE A 185 -4.62 -7.74 13.27
C PHE A 185 -3.73 -7.37 14.43
N LYS A 186 -4.25 -7.57 15.65
CA LYS A 186 -3.40 -7.52 16.83
C LYS A 186 -2.18 -8.42 16.66
N TYR A 187 -1.09 -8.06 17.33
CA TYR A 187 0.13 -8.85 17.27
C TYR A 187 -0.12 -10.34 17.51
N GLU A 188 -0.81 -10.68 18.61
CA GLU A 188 -1.10 -12.08 18.91
C GLU A 188 -1.85 -12.74 17.76
N ASP A 189 -2.85 -12.03 17.24
CA ASP A 189 -3.69 -12.60 16.19
C ASP A 189 -2.91 -12.83 14.90
N CYS A 190 -1.77 -12.14 14.71
CA CYS A 190 -1.04 -12.34 13.49
C CYS A 190 -0.51 -13.76 13.36
N PHE A 191 -0.47 -14.50 14.46
CA PHE A 191 0.15 -15.83 14.36
C PHE A 191 -0.91 -16.92 14.46
N LYS A 192 -2.17 -16.52 14.49
CA LYS A 192 -3.26 -17.51 14.61
C LYS A 192 -3.73 -18.06 13.26
N GLU A 193 -4.09 -19.35 13.22
CA GLU A 193 -4.42 -20.01 11.93
C GLU A 193 -5.72 -19.48 11.33
N GLU A 194 -6.60 -19.06 12.24
CA GLU A 194 -7.93 -18.56 11.85
C GLU A 194 -7.81 -17.30 11.01
N PHE A 195 -6.66 -16.66 11.13
CA PHE A 195 -6.53 -15.39 10.39
C PHE A 195 -5.65 -15.58 9.15
N ARG A 196 -5.25 -16.83 8.87
CA ARG A 196 -4.48 -17.05 7.63
C ARG A 196 -5.34 -16.63 6.42
N LEU A 197 -4.67 -16.05 5.42
CA LEU A 197 -5.39 -15.55 4.23
C LEU A 197 -6.30 -16.63 3.59
N GLU A 198 -5.75 -17.85 3.50
CA GLU A 198 -6.55 -18.92 2.91
C GLU A 198 -7.84 -19.17 3.67
N ASN A 199 -7.93 -18.75 4.93
CA ASN A 199 -9.16 -18.88 5.69
C ASN A 199 -10.02 -17.63 5.58
N LEU A 200 -9.39 -16.46 5.41
CA LEU A 200 -10.16 -15.23 5.30
C LEU A 200 -10.87 -15.15 3.96
N VAL A 201 -10.20 -15.56 2.87
CA VAL A 201 -10.76 -15.34 1.52
C VAL A 201 -12.10 -16.02 1.36
N PRO A 202 -12.30 -17.31 1.69
CA PRO A 202 -13.63 -17.92 1.58
C PRO A 202 -14.71 -17.14 2.32
N LYS A 203 -14.42 -16.70 3.55
CA LYS A 203 -15.43 -15.99 4.33
C LYS A 203 -15.80 -14.66 3.68
N VAL A 204 -14.80 -13.95 3.15
CA VAL A 204 -15.07 -12.65 2.55
C VAL A 204 -15.83 -12.83 1.24
N VAL A 205 -15.50 -13.87 0.47
CA VAL A 205 -16.21 -14.13 -0.78
C VAL A 205 -17.67 -14.50 -0.51
N GLU A 206 -17.89 -15.32 0.53
CA GLU A 206 -19.25 -15.66 0.92
C GLU A 206 -20.03 -14.41 1.34
N ALA A 207 -19.41 -13.55 2.15
CA ALA A 207 -20.07 -12.29 2.52
C ALA A 207 -20.37 -11.44 1.29
N SER A 208 -19.47 -11.45 0.31
CA SER A 208 -19.66 -10.62 -0.87
C SER A 208 -20.85 -11.08 -1.70
N LYS A 209 -21.19 -12.37 -1.63
CA LYS A 209 -22.32 -12.82 -2.43
C LYS A 209 -23.60 -12.04 -2.17
N GLU A 210 -23.81 -11.63 -0.92
CA GLU A 210 -25.04 -10.93 -0.58
C GLU A 210 -25.14 -9.62 -1.30
N TRP A 211 -24.01 -9.02 -1.69
CA TRP A 211 -24.00 -7.74 -2.36
C TRP A 211 -23.67 -7.85 -3.85
N GLY A 212 -23.97 -9.00 -4.45
CA GLY A 212 -23.80 -9.16 -5.88
C GLY A 212 -22.43 -9.55 -6.34
N ASN A 213 -21.63 -10.20 -5.49
CA ASN A 213 -20.31 -10.71 -5.85
C ASN A 213 -19.37 -9.58 -6.30
N ILE A 214 -19.24 -8.58 -5.43
CA ILE A 214 -18.17 -7.60 -5.58
C ILE A 214 -16.84 -8.35 -5.68
N PRO A 215 -15.95 -8.00 -6.60
CA PRO A 215 -14.69 -8.75 -6.71
C PRO A 215 -13.85 -8.61 -5.45
N ILE A 216 -13.26 -9.72 -5.03
CA ILE A 216 -12.41 -9.82 -3.86
C ILE A 216 -10.97 -10.05 -4.31
N ILE A 217 -10.07 -9.22 -3.81
CA ILE A 217 -8.65 -9.26 -4.13
C ILE A 217 -7.92 -9.73 -2.88
N ALA A 218 -7.19 -10.84 -2.99
CA ALA A 218 -6.47 -11.40 -1.85
C ALA A 218 -5.07 -10.79 -1.75
N ALA A 219 -4.65 -10.47 -0.52
CA ALA A 219 -3.31 -9.89 -0.35
C ALA A 219 -2.66 -10.38 0.94
N GLY A 220 -1.34 -10.61 0.86
CA GLY A 220 -0.55 -10.89 2.04
C GLY A 220 0.11 -12.26 2.04
N GLY A 221 1.39 -12.32 1.69
CA GLY A 221 2.11 -13.58 1.61
C GLY A 221 2.02 -14.30 0.28
N ILE A 222 1.43 -13.68 -0.74
CA ILE A 222 1.32 -14.28 -2.06
C ILE A 222 2.65 -14.07 -2.79
N TRP A 223 3.33 -15.16 -3.13
CA TRP A 223 4.68 -15.08 -3.66
C TRP A 223 4.78 -15.36 -5.16
N ASP A 224 4.10 -16.41 -5.64
CA ASP A 224 4.29 -16.89 -7.00
C ASP A 224 2.96 -17.27 -7.61
N ARG A 225 3.01 -17.82 -8.82
CA ARG A 225 1.79 -18.16 -9.53
C ARG A 225 1.02 -19.27 -8.83
N LYS A 226 1.73 -20.19 -8.15
CA LYS A 226 1.04 -21.21 -7.36
C LYS A 226 0.13 -20.57 -6.31
N ASP A 227 0.62 -19.54 -5.62
CA ASP A 227 -0.19 -18.88 -4.60
C ASP A 227 -1.33 -18.10 -5.24
N ILE A 228 -1.07 -17.46 -6.39
CA ILE A 228 -2.13 -16.78 -7.11
C ILE A 228 -3.25 -17.76 -7.44
N ASP A 229 -2.88 -18.91 -7.99
CA ASP A 229 -3.86 -19.92 -8.37
C ASP A 229 -4.65 -20.40 -7.17
N THR A 230 -3.97 -20.59 -6.03
CA THR A 230 -4.69 -20.95 -4.81
C THR A 230 -5.75 -19.92 -4.48
N MET A 231 -5.36 -18.64 -4.47
CA MET A 231 -6.29 -17.59 -4.06
C MET A 231 -7.46 -17.50 -5.02
N LEU A 232 -7.21 -17.63 -6.31
CA LEU A 232 -8.30 -17.64 -7.28
C LEU A 232 -9.21 -18.84 -7.05
N SER A 233 -8.64 -20.00 -6.75
CA SER A 233 -9.46 -21.20 -6.55
C SER A 233 -10.36 -21.08 -5.34
N LEU A 234 -10.05 -20.18 -4.40
CA LEU A 234 -10.82 -19.96 -3.20
C LEU A 234 -11.90 -18.90 -3.39
N GLY A 235 -12.03 -18.36 -4.60
CA GLY A 235 -13.07 -17.41 -4.93
C GLY A 235 -12.60 -15.99 -5.15
N ALA A 236 -11.33 -15.69 -4.87
CA ALA A 236 -10.81 -14.35 -5.16
C ALA A 236 -10.84 -14.09 -6.66
N SER A 237 -11.13 -12.84 -7.03
CA SER A 237 -11.08 -12.42 -8.43
C SER A 237 -9.71 -11.95 -8.85
N GLY A 238 -8.83 -11.65 -7.90
CA GLY A 238 -7.47 -11.26 -8.21
C GLY A 238 -6.64 -11.25 -6.96
N VAL A 239 -5.40 -10.80 -7.11
CA VAL A 239 -4.46 -10.73 -6.00
C VAL A 239 -3.80 -9.37 -5.99
N GLN A 240 -3.38 -8.94 -4.81
CA GLN A 240 -2.49 -7.80 -4.65
C GLN A 240 -1.19 -8.28 -4.03
N MET A 241 -0.08 -7.92 -4.65
CA MET A 241 1.25 -8.36 -4.24
C MET A 241 2.14 -7.14 -4.12
N ALA A 242 3.00 -7.11 -3.09
CA ALA A 242 3.90 -5.97 -2.94
C ALA A 242 5.35 -6.37 -2.73
N THR A 243 5.62 -7.35 -1.85
CA THR A 243 7.00 -7.74 -1.59
C THR A 243 7.73 -8.15 -2.87
N ARG A 244 7.08 -8.87 -3.78
CA ARG A 244 7.75 -9.20 -5.04
C ARG A 244 8.16 -7.95 -5.79
N PHE A 245 7.29 -6.93 -5.81
CA PHE A 245 7.63 -5.70 -6.52
C PHE A 245 8.64 -4.86 -5.75
N LEU A 246 8.63 -4.97 -4.42
CA LEU A 246 9.68 -4.35 -3.61
C LEU A 246 11.06 -4.82 -4.06
N GLY A 247 11.15 -6.03 -4.59
CA GLY A 247 12.40 -6.57 -5.10
C GLY A 247 12.62 -6.41 -6.59
N THR A 248 12.04 -5.38 -7.22
CA THR A 248 12.30 -5.14 -8.63
C THR A 248 13.17 -3.90 -8.83
N LYS A 249 13.80 -3.84 -9.99
CA LYS A 249 14.71 -2.73 -10.29
C LYS A 249 13.97 -1.40 -10.28
N GLU A 250 12.71 -1.42 -10.71
CA GLU A 250 11.96 -0.18 -10.91
C GLU A 250 11.40 0.42 -9.64
N CYS A 251 11.53 -0.27 -8.50
CA CYS A 251 11.16 0.28 -7.20
C CYS A 251 11.74 1.68 -7.02
N ASP A 252 10.89 2.60 -6.55
CA ASP A 252 11.33 3.99 -6.47
C ASP A 252 12.17 4.26 -5.24
N ALA A 253 12.17 3.36 -4.26
CA ALA A 253 13.07 3.43 -3.12
C ALA A 253 14.26 2.52 -3.40
N LYS A 254 15.35 3.12 -3.90
CA LYS A 254 16.46 2.34 -4.45
C LYS A 254 17.21 1.54 -3.39
N VAL A 255 17.09 1.94 -2.13
CA VAL A 255 17.73 1.22 -1.03
C VAL A 255 17.34 -0.26 -1.02
N TYR A 256 16.10 -0.58 -1.38
CA TYR A 256 15.65 -1.95 -1.22
C TYR A 256 16.45 -2.89 -2.12
N ALA A 257 16.95 -2.38 -3.25
CA ALA A 257 17.72 -3.23 -4.15
C ALA A 257 19.00 -3.73 -3.48
N ASP A 258 19.52 -2.96 -2.54
CA ASP A 258 20.72 -3.38 -1.82
C ASP A 258 20.39 -4.12 -0.54
N LEU A 259 19.19 -3.94 0.01
CA LEU A 259 18.90 -4.48 1.33
C LEU A 259 18.29 -5.87 1.26
N LEU A 260 17.39 -6.10 0.32
CA LEU A 260 16.65 -7.35 0.24
C LEU A 260 17.51 -8.58 -0.08
N PRO A 261 18.48 -8.51 -1.00
CA PRO A 261 19.27 -9.72 -1.28
C PRO A 261 20.07 -10.22 -0.06
N THR A 262 20.36 -9.37 0.93
CA THR A 262 20.99 -9.77 2.18
C THR A 262 20.01 -10.24 3.26
N LEU A 263 18.70 -10.02 3.06
CA LEU A 263 17.77 -10.06 4.18
C LEU A 263 17.51 -11.49 4.64
N LYS A 264 17.77 -11.75 5.92
CA LYS A 264 17.54 -13.06 6.52
C LYS A 264 16.20 -13.07 7.28
N LYS A 265 15.54 -14.20 7.31
CA LYS A 265 14.23 -14.33 7.97
C LYS A 265 14.29 -13.82 9.41
N GLU A 266 15.35 -14.16 10.14
CA GLU A 266 15.38 -13.77 11.54
C GLU A 266 15.48 -12.26 11.74
N ASP A 267 15.67 -11.47 10.68
CA ASP A 267 15.75 -10.02 10.78
C ASP A 267 14.48 -9.33 10.30
N ILE A 268 13.37 -10.08 10.20
CA ILE A 268 12.03 -9.54 9.96
C ILE A 268 11.24 -9.67 11.25
N LEU A 269 10.53 -8.61 11.64
CA LEU A 269 9.76 -8.70 12.87
C LEU A 269 8.59 -7.71 12.84
N LEU A 270 7.62 -7.96 13.71
CA LEU A 270 6.52 -7.02 13.94
C LEU A 270 6.88 -6.06 15.06
N ILE A 271 6.62 -4.78 14.85
CA ILE A 271 6.92 -3.74 15.81
C ILE A 271 5.67 -2.90 16.02
N LYS A 272 5.73 -2.06 17.04
CA LYS A 272 4.65 -1.09 17.25
C LYS A 272 4.81 0.07 16.29
N SER A 273 3.72 0.79 16.07
CA SER A 273 3.72 1.89 15.13
C SER A 273 2.88 3.02 15.69
N PRO A 274 3.27 4.27 15.45
CA PRO A 274 2.40 5.40 15.83
C PRO A 274 1.08 5.43 15.07
N VAL A 275 0.95 4.68 13.97
CA VAL A 275 -0.34 4.57 13.31
C VAL A 275 -1.31 3.73 14.14
N GLY A 276 -0.79 2.89 15.03
CA GLY A 276 -1.65 2.09 15.91
C GLY A 276 -1.99 0.71 15.41
N TYR A 277 -1.26 0.20 14.41
CA TYR A 277 -1.33 -1.18 13.98
C TYR A 277 0.08 -1.75 13.98
N PRO A 278 0.23 -3.04 14.25
CA PRO A 278 1.55 -3.66 14.11
C PRO A 278 2.12 -3.40 12.73
N ALA A 279 3.40 -3.09 12.66
CA ALA A 279 4.08 -2.96 11.37
C ALA A 279 5.15 -4.02 11.21
N ARG A 280 5.27 -4.57 10.02
CA ARG A 280 6.29 -5.57 9.76
C ARG A 280 7.51 -4.88 9.17
N ALA A 281 8.63 -4.93 9.90
CA ALA A 281 9.81 -4.16 9.59
C ALA A 281 11.03 -5.06 9.46
N ILE A 282 12.05 -4.53 8.81
CA ILE A 282 13.39 -5.10 8.82
C ILE A 282 14.14 -4.55 10.03
N ASN A 283 14.85 -5.44 10.74
CA ASN A 283 15.55 -5.08 11.98
C ASN A 283 16.87 -4.40 11.62
N THR A 284 16.76 -3.11 11.26
CA THR A 284 17.90 -2.33 10.79
C THR A 284 17.53 -0.86 10.89
N GLY A 285 18.51 0.00 10.62
CA GLY A 285 18.24 1.43 10.60
C GLY A 285 17.78 1.95 11.94
N VAL A 286 16.68 2.72 11.93
CA VAL A 286 16.23 3.41 13.13
C VAL A 286 15.95 2.42 14.26
N ILE A 287 15.47 1.22 13.92
CA ILE A 287 15.20 0.24 14.97
C ILE A 287 16.48 -0.05 15.74
N LYS A 288 17.57 -0.34 15.02
CA LYS A 288 18.84 -0.58 15.69
C LYS A 288 19.29 0.65 16.48
N ARG A 289 19.09 1.84 15.91
CA ARG A 289 19.54 3.05 16.61
C ARG A 289 18.80 3.19 17.93
N ILE A 290 17.50 2.87 17.94
CA ILE A 290 16.76 3.01 19.19
C ILE A 290 17.33 2.09 20.24
N GLU A 291 17.68 0.87 19.82
CA GLU A 291 18.14 -0.10 20.79
C GLU A 291 19.52 0.26 21.32
N GLU A 292 20.27 1.06 20.55
CA GLU A 292 21.58 1.50 21.00
C GLU A 292 21.50 2.69 21.93
N GLY A 293 20.33 3.33 22.03
CA GLY A 293 20.24 4.60 22.71
C GLY A 293 20.65 5.77 21.84
N ASN A 294 20.65 5.57 20.52
CA ASN A 294 20.95 6.61 19.53
C ASN A 294 19.71 6.98 18.73
N ALA A 295 18.54 6.99 19.36
CA ALA A 295 17.31 7.22 18.62
C ALA A 295 17.30 8.66 18.07
N PRO A 296 16.88 8.85 16.81
CA PRO A 296 16.69 10.21 16.31
C PRO A 296 15.69 10.96 17.20
N LYS A 297 15.88 12.28 17.29
CA LYS A 297 14.97 13.09 18.08
C LYS A 297 13.60 13.13 17.40
N ILE A 298 12.55 13.18 18.22
CA ILE A 298 11.17 13.22 17.77
C ILE A 298 10.59 14.59 18.09
N ALA A 299 10.10 15.27 17.05
CA ALA A 299 9.36 16.51 17.22
C ALA A 299 8.50 16.65 15.98
N CYS A 300 7.18 16.52 16.14
CA CYS A 300 6.30 16.37 14.98
C CYS A 300 6.37 17.59 14.07
N VAL A 301 6.83 17.38 12.84
CA VAL A 301 6.85 18.39 11.79
C VAL A 301 5.80 18.11 10.73
N SER A 302 5.76 16.87 10.23
CA SER A 302 4.92 16.52 9.09
C SER A 302 3.46 16.26 9.46
N ASN A 303 3.17 15.97 10.73
CA ASN A 303 1.80 15.69 11.20
C ASN A 303 1.11 14.66 10.29
N CYS A 304 1.77 13.51 10.16
CA CYS A 304 1.41 12.56 9.12
C CYS A 304 0.12 11.77 9.41
N VAL A 305 -0.15 11.42 10.67
CA VAL A 305 -1.30 10.55 10.95
C VAL A 305 -2.04 11.01 12.19
N ALA A 306 -3.36 10.79 12.18
CA ALA A 306 -4.23 11.24 13.27
C ALA A 306 -4.01 10.48 14.57
N PRO A 307 -3.89 9.14 14.57
CA PRO A 307 -3.74 8.42 15.85
C PRO A 307 -2.53 8.85 16.66
N CYS A 308 -1.48 9.35 16.02
CA CYS A 308 -0.28 9.76 16.74
C CYS A 308 -0.53 10.95 17.65
N ASN A 309 -1.44 11.85 17.27
CA ASN A 309 -1.68 13.09 18.00
C ASN A 309 -0.38 13.91 18.11
N ARG A 310 0.17 14.24 16.94
CA ARG A 310 1.27 15.21 16.83
C ARG A 310 2.47 14.85 17.72
N GLY A 311 2.81 13.56 17.78
CA GLY A 311 4.00 13.09 18.46
C GLY A 311 3.75 12.26 19.71
N GLU A 312 2.53 12.29 20.26
CA GLU A 312 2.27 11.56 21.51
C GLU A 312 2.66 10.09 21.38
N GLU A 313 2.12 9.43 20.35
CA GLU A 313 2.34 8.00 20.21
C GLU A 313 3.70 7.70 19.63
N ALA A 314 4.22 8.59 18.78
CA ALA A 314 5.59 8.43 18.28
C ALA A 314 6.58 8.39 19.45
N LYS A 315 6.42 9.31 20.40
CA LYS A 315 7.32 9.32 21.55
C LYS A 315 7.15 8.05 22.36
N LYS A 316 5.91 7.57 22.53
CA LYS A 316 5.72 6.34 23.30
C LYS A 316 6.36 5.13 22.63
N VAL A 317 6.14 4.96 21.32
CA VAL A 317 6.69 3.78 20.64
C VAL A 317 8.17 3.95 20.32
N GLY A 318 8.68 5.19 20.28
CA GLY A 318 10.11 5.45 20.14
C GLY A 318 10.54 6.04 18.81
N TYR A 319 9.65 6.16 17.83
CA TYR A 319 10.07 6.65 16.52
C TYR A 319 8.91 7.33 15.81
N CYS A 320 9.25 8.29 14.96
CA CYS A 320 8.33 8.95 14.04
C CYS A 320 8.33 8.19 12.71
N ILE A 321 7.16 7.73 12.26
CA ILE A 321 7.13 6.91 11.06
C ILE A 321 7.38 7.75 9.81
N ALA A 322 6.83 8.97 9.77
CA ALA A 322 7.09 9.86 8.65
C ALA A 322 8.58 10.13 8.48
N ASP A 323 9.26 10.51 9.58
CA ASP A 323 10.68 10.83 9.48
C ASP A 323 11.48 9.62 9.01
N GLY A 324 11.18 8.45 9.56
CA GLY A 324 11.97 7.27 9.24
C GLY A 324 11.78 6.81 7.80
N LEU A 325 10.52 6.82 7.33
CA LEU A 325 10.27 6.39 5.95
C LEU A 325 10.81 7.41 4.95
N GLY A 326 10.69 8.71 5.27
CA GLY A 326 11.31 9.71 4.41
C GLY A 326 12.82 9.54 4.34
N ARG A 327 13.46 9.29 5.47
CA ARG A 327 14.90 9.07 5.47
C ARG A 327 15.29 7.88 4.61
N SER A 328 14.48 6.81 4.63
CA SER A 328 14.78 5.66 3.77
C SER A 328 14.69 6.04 2.29
N TYR A 329 13.64 6.76 1.91
CA TYR A 329 13.53 7.18 0.52
C TYR A 329 14.72 8.02 0.09
N LEU A 330 15.21 8.88 1.00
CA LEU A 330 16.35 9.74 0.70
C LEU A 330 17.70 9.02 0.83
N GLY A 331 17.71 7.74 1.20
CA GLY A 331 18.91 6.92 1.12
C GLY A 331 19.61 6.57 2.43
N ASN A 332 19.02 6.91 3.58
CA ASN A 332 19.67 6.86 4.88
C ASN A 332 19.54 5.46 5.48
N ARG A 333 20.62 4.67 5.39
CA ARG A 333 20.69 3.32 5.95
C ARG A 333 20.78 3.38 7.46
N GLU A 334 21.41 4.45 7.98
CA GLU A 334 21.64 4.54 9.41
C GLU A 334 20.36 4.82 10.17
N GLU A 335 19.51 5.70 9.64
CA GLU A 335 18.33 6.14 10.39
C GLU A 335 17.02 5.85 9.66
N GLY A 336 17.05 5.17 8.53
CA GLY A 336 15.83 4.88 7.81
C GLY A 336 15.00 3.80 8.48
N LEU A 337 13.71 3.81 8.17
CA LEU A 337 12.79 2.74 8.55
C LEU A 337 12.43 1.93 7.32
N TYR A 338 12.49 0.60 7.44
CA TYR A 338 12.33 -0.29 6.29
C TYR A 338 11.27 -1.35 6.62
N PHE A 339 10.33 -1.51 5.70
CA PHE A 339 9.21 -2.45 5.82
C PHE A 339 9.37 -3.60 4.83
N THR A 340 8.65 -4.68 5.11
CA THR A 340 8.70 -5.86 4.26
C THR A 340 7.52 -6.75 4.60
N GLY A 341 7.09 -7.53 3.63
CA GLY A 341 6.23 -8.65 3.93
C GLY A 341 7.03 -9.76 4.60
N ALA A 342 6.31 -10.71 5.20
CA ALA A 342 6.95 -11.88 5.79
C ALA A 342 7.86 -12.59 4.81
N ASN A 343 7.54 -12.54 3.52
CA ASN A 343 8.29 -13.25 2.51
C ASN A 343 9.56 -12.52 2.05
N GLY A 344 9.93 -11.38 2.66
CA GLY A 344 11.05 -10.59 2.17
C GLY A 344 12.37 -11.34 2.11
N TYR A 345 12.58 -12.31 3.01
CA TYR A 345 13.82 -13.08 3.02
C TYR A 345 13.96 -13.98 1.80
N ARG A 346 12.89 -14.20 1.05
CA ARG A 346 12.96 -15.06 -0.12
C ARG A 346 13.43 -14.33 -1.36
N VAL A 347 13.68 -13.04 -1.27
CA VAL A 347 14.25 -12.27 -2.38
C VAL A 347 15.74 -12.55 -2.46
N ASP A 348 16.19 -13.12 -3.58
CA ASP A 348 17.62 -13.27 -3.83
C ASP A 348 18.10 -12.29 -4.88
N LYS A 349 17.52 -12.37 -6.08
CA LYS A 349 17.79 -11.37 -7.12
C LYS A 349 16.84 -10.19 -7.10
N ILE A 350 17.38 -9.07 -7.55
CA ILE A 350 16.55 -7.95 -7.97
C ILE A 350 16.32 -8.14 -9.48
N ILE A 351 15.05 -8.28 -9.88
CA ILE A 351 14.71 -8.52 -11.28
C ILE A 351 13.87 -7.35 -11.79
N SER A 352 13.66 -7.32 -13.11
CA SER A 352 12.82 -6.28 -13.68
C SER A 352 11.34 -6.57 -13.43
N VAL A 353 10.54 -5.50 -13.43
CA VAL A 353 9.09 -5.65 -13.37
C VAL A 353 8.60 -6.55 -14.51
N HIS A 354 9.17 -6.39 -15.70
CA HIS A 354 8.72 -7.19 -16.83
C HIS A 354 8.99 -8.68 -16.58
N GLU A 355 10.18 -9.02 -16.09
CA GLU A 355 10.46 -10.43 -15.88
C GLU A 355 9.61 -10.97 -14.73
N LEU A 356 9.30 -10.12 -13.73
CA LEU A 356 8.44 -10.57 -12.63
C LEU A 356 7.02 -10.87 -13.12
N ILE A 357 6.45 -9.96 -13.92
CA ILE A 357 5.11 -10.20 -14.44
C ILE A 357 5.11 -11.43 -15.34
N LYS A 358 6.16 -11.60 -16.15
CA LYS A 358 6.25 -12.80 -16.96
C LYS A 358 6.20 -14.05 -16.08
N GLU A 359 6.98 -14.05 -14.99
CA GLU A 359 6.99 -15.19 -14.09
C GLU A 359 5.60 -15.45 -13.53
N LEU A 360 4.89 -14.38 -13.18
CA LEU A 360 3.62 -14.53 -12.48
C LEU A 360 2.47 -14.89 -13.40
N THR A 361 2.57 -14.60 -14.70
CA THR A 361 1.41 -14.72 -15.58
C THR A 361 1.55 -15.77 -16.68
N GLU A 362 2.76 -16.21 -17.00
CA GLU A 362 2.93 -17.14 -18.10
C GLU A 362 2.23 -18.46 -17.81
N GLY A 363 1.60 -19.03 -18.83
CA GLY A 363 0.84 -20.25 -18.68
C GLY A 363 -0.52 -20.02 -18.05
N1 FMN B . -0.34 -0.87 2.09
C2 FMN B . -1.07 0.29 2.06
O2 FMN B . -2.29 0.23 1.94
N3 FMN B . -0.40 1.51 2.19
C4 FMN B . 0.99 1.56 2.35
O4 FMN B . 1.55 2.65 2.44
C4A FMN B . 1.71 0.37 2.37
N5 FMN B . 3.04 0.39 2.52
C5A FMN B . 3.75 -0.76 2.37
C6 FMN B . 5.13 -0.70 2.35
C7 FMN B . 5.88 -1.86 2.17
C7M FMN B . 7.29 -1.82 2.12
C8 FMN B . 5.23 -3.07 1.99
C8M FMN B . 6.00 -4.23 1.80
C9 FMN B . 3.84 -3.12 2.02
C9A FMN B . 3.07 -1.97 2.20
N10 FMN B . 1.71 -2.00 2.21
C10 FMN B . 1.04 -0.85 2.24
C1' FMN B . 0.93 -3.27 2.04
C2' FMN B . 0.97 -3.76 0.57
O2' FMN B . 0.28 -2.83 -0.25
C3' FMN B . 0.35 -5.15 0.33
O3' FMN B . -1.06 -5.17 0.61
C4' FMN B . 1.04 -6.28 1.11
O4' FMN B . 2.43 -6.00 1.38
C5' FMN B . 0.91 -7.55 0.26
O5' FMN B . 1.62 -8.64 0.84
P FMN B . 2.98 -9.12 0.16
O1P FMN B . 2.67 -9.28 -1.28
O2P FMN B . 3.90 -8.01 0.48
O3P FMN B . 3.25 -10.39 0.86
FE1 SF4 C . 4.00 13.65 13.58
FE2 SF4 C . 3.58 11.24 14.73
FE3 SF4 C . 5.81 11.63 13.24
FE4 SF4 C . 3.46 11.44 12.02
S1 SF4 C . 4.47 9.79 13.26
S2 SF4 C . 4.99 13.07 11.63
S3 SF4 C . 2.06 12.45 13.48
S4 SF4 C . 5.31 12.67 15.19
CAA A1ELG D . -8.09 -2.43 7.78
CAH A1ELG D . -4.58 -2.25 9.04
CAI A1ELG D . 3.67 3.73 5.38
CAJ A1ELG D . -5.98 -2.18 9.01
CAK A1ELG D . -3.87 -2.67 7.89
CAL A1ELG D . 3.35 5.06 5.67
CAM A1ELG D . 2.63 2.77 5.39
CAN A1ELG D . -6.00 -2.91 6.68
CAO A1ELG D . 1.02 4.48 6.00
CAV A1ELG D . 0.29 2.17 5.68
CAW A1ELG D . -6.69 -2.50 7.83
CAX A1ELG D . -4.59 -3.00 6.71
CAY A1ELG D . 2.03 5.44 5.98
CAZ A1ELG D . 1.30 3.12 5.75
CBA A1ELG D . -0.27 -0.11 5.51
CBB A1ELG D . -2.09 -1.48 4.91
CBC A1ELG D . 2.30 7.46 7.37
FAE A1ELG D . 1.99 6.73 8.41
FAF A1ELG D . 3.62 7.58 7.26
FAG A1ELG D . 1.70 8.66 7.46
NAP A1ELG D . -0.03 -1.43 5.40
NAQ A1ELG D . -0.94 -2.10 5.13
NAR A1ELG D . 0.62 0.85 5.72
NAS A1ELG D . -4.02 -3.40 5.54
OAB A1ELG D . -0.83 2.62 5.49
OAC A1ELG D . -4.59 -1.18 4.26
OAD A1ELG D . -3.25 -2.96 3.10
OAT A1ELG D . 1.79 6.76 6.25
SAU A1ELG D . -1.91 0.17 5.11
SBD A1ELG D . -3.55 -2.29 4.43
#